data_2VN1
#
_entry.id   2VN1
#
_cell.length_a   63.064
_cell.length_b   63.064
_cell.length_c   167.990
_cell.angle_alpha   90.00
_cell.angle_beta   90.00
_cell.angle_gamma   90.00
#
_symmetry.space_group_name_H-M   'P 43 21 2'
#
loop_
_entity.id
_entity.type
_entity.pdbx_description
1 polymer '70 KDA PEPTIDYLPROLYL ISOMERASE'
2 non-polymer 8-DEETHYL-8-[BUT-3-ENYL]-ASCOMYCIN
3 water water
#
_entity_poly.entity_id   1
_entity_poly.type   'polypeptide(L)'
_entity_poly.pdbx_seq_one_letter_code
;MTTEQEFEKVELTADGGVIKTILKKGDEGEENIPKKGNEVTVHYVGKLESTGKVFDSSFDRNVPFKFHLEQGEVIKGWDI
CVSSMRKNEKCLVRIESMYGYGDEGCGESIPGNSVLLFEIELLSFRELE
;
_entity_poly.pdbx_strand_id   A,B
#
loop_
_chem_comp.id
_chem_comp.type
_chem_comp.name
_chem_comp.formula
FK5 non-polymer 8-DEETHYL-8-[BUT-3-ENYL]-ASCOMYCIN 'C44 H69 N O12'
#
# COMPACT_ATOMS: atom_id res chain seq x y z
N PHE A 7 -12.70 9.49 -28.49
CA PHE A 7 -12.50 10.18 -27.19
C PHE A 7 -13.63 9.88 -26.20
N GLU A 8 -13.31 9.98 -24.91
CA GLU A 8 -14.30 9.74 -23.88
C GLU A 8 -13.87 10.16 -22.47
N LYS A 9 -14.51 11.20 -21.95
CA LYS A 9 -14.27 11.71 -20.62
C LYS A 9 -15.42 11.20 -19.75
N VAL A 10 -15.11 10.55 -18.64
CA VAL A 10 -16.14 9.99 -17.77
C VAL A 10 -16.11 10.48 -16.33
N GLU A 11 -17.26 10.95 -15.84
CA GLU A 11 -17.37 11.41 -14.47
C GLU A 11 -17.82 10.19 -13.68
N LEU A 12 -16.93 9.66 -12.84
CA LEU A 12 -17.24 8.46 -12.07
C LEU A 12 -17.96 8.66 -10.73
N THR A 13 -18.06 9.90 -10.28
CA THR A 13 -18.78 10.19 -9.03
C THR A 13 -19.66 11.41 -9.27
N ALA A 14 -20.89 11.36 -8.78
CA ALA A 14 -21.84 12.44 -8.96
C ALA A 14 -21.29 13.84 -8.64
N ASP A 15 -20.46 13.93 -7.61
CA ASP A 15 -19.88 15.22 -7.22
C ASP A 15 -18.68 15.65 -8.07
N GLY A 16 -18.28 14.78 -8.98
CA GLY A 16 -17.14 15.09 -9.85
C GLY A 16 -15.79 15.04 -9.16
N GLY A 17 -15.68 14.29 -8.07
CA GLY A 17 -14.41 14.20 -7.38
C GLY A 17 -13.45 13.26 -8.09
N VAL A 18 -14.00 12.47 -9.01
CA VAL A 18 -13.23 11.51 -9.78
C VAL A 18 -13.69 11.53 -11.24
N ILE A 19 -12.84 12.05 -12.11
CA ILE A 19 -13.14 12.17 -13.53
C ILE A 19 -12.07 11.43 -14.32
N LYS A 20 -12.49 10.46 -15.13
CA LYS A 20 -11.56 9.67 -15.93
C LYS A 20 -11.65 9.97 -17.43
N THR A 21 -10.51 10.34 -18.00
CA THR A 21 -10.41 10.63 -19.42
C THR A 21 -9.68 9.45 -20.07
N ILE A 22 -10.35 8.77 -21.00
CA ILE A 22 -9.73 7.63 -21.66
C ILE A 22 -8.77 8.06 -22.77
N LEU A 23 -7.54 7.58 -22.69
CA LEU A 23 -6.52 7.92 -23.68
C LEU A 23 -6.39 6.79 -24.72
N LYS A 24 -6.72 5.57 -24.30
CA LYS A 24 -6.70 4.41 -25.18
C LYS A 24 -7.68 3.37 -24.64
N LYS A 25 -8.71 3.06 -25.45
CA LYS A 25 -9.72 2.07 -25.06
C LYS A 25 -9.07 0.70 -24.93
N GLY A 26 -9.57 -0.12 -24.01
CA GLY A 26 -9.02 -1.45 -23.82
C GLY A 26 -9.71 -2.56 -24.59
N ASP A 27 -9.44 -3.81 -24.19
CA ASP A 27 -10.01 -4.98 -24.84
C ASP A 27 -11.48 -5.18 -24.47
N GLU A 28 -12.30 -5.46 -25.48
CA GLU A 28 -13.73 -5.69 -25.28
C GLU A 28 -13.99 -7.03 -24.60
N GLY A 29 -14.98 -7.05 -23.71
CA GLY A 29 -15.31 -8.29 -23.02
C GLY A 29 -15.40 -8.11 -21.51
N GLU A 30 -16.41 -8.73 -20.91
CA GLU A 30 -16.59 -8.65 -19.47
C GLU A 30 -15.43 -9.35 -18.78
N GLU A 31 -14.81 -10.28 -19.49
CA GLU A 31 -13.68 -11.02 -18.96
C GLU A 31 -12.46 -10.12 -18.90
N ASN A 32 -12.57 -8.95 -19.53
CA ASN A 32 -11.47 -7.97 -19.55
C ASN A 32 -11.71 -6.85 -18.55
N ILE A 33 -12.63 -7.09 -17.61
CA ILE A 33 -12.91 -6.09 -16.60
C ILE A 33 -12.58 -6.68 -15.23
N PRO A 34 -11.73 -5.99 -14.47
CA PRO A 34 -11.31 -6.46 -13.14
C PRO A 34 -12.46 -6.43 -12.14
N LYS A 35 -12.49 -7.42 -11.25
CA LYS A 35 -13.55 -7.50 -10.25
C LYS A 35 -12.98 -7.35 -8.84
N LYS A 36 -13.83 -6.89 -7.91
CA LYS A 36 -13.41 -6.70 -6.52
C LYS A 36 -12.61 -7.87 -5.97
N GLY A 37 -11.54 -7.56 -5.24
CA GLY A 37 -10.69 -8.60 -4.67
C GLY A 37 -9.59 -9.08 -5.60
N ASN A 38 -9.74 -8.81 -6.89
CA ASN A 38 -8.73 -9.22 -7.88
C ASN A 38 -7.40 -8.52 -7.71
N GLU A 39 -6.32 -9.22 -8.04
CA GLU A 39 -5.01 -8.60 -7.97
C GLU A 39 -4.89 -7.89 -9.31
N VAL A 40 -4.61 -6.59 -9.28
CA VAL A 40 -4.48 -5.82 -10.51
C VAL A 40 -3.05 -5.36 -10.69
N THR A 41 -2.60 -5.33 -11.94
CA THR A 41 -1.25 -4.90 -12.27
C THR A 41 -1.31 -3.71 -13.22
N VAL A 42 -0.70 -2.59 -12.83
CA VAL A 42 -0.71 -1.41 -13.68
C VAL A 42 0.62 -0.68 -13.68
N HIS A 43 0.68 0.35 -14.52
CA HIS A 43 1.82 1.24 -14.57
C HIS A 43 1.13 2.57 -14.33
N TYR A 44 1.82 3.52 -13.72
CA TYR A 44 1.20 4.81 -13.46
C TYR A 44 2.19 5.94 -13.38
N VAL A 45 1.65 7.15 -13.50
CA VAL A 45 2.42 8.37 -13.38
C VAL A 45 1.52 9.31 -12.58
N GLY A 46 2.05 9.83 -11.47
CA GLY A 46 1.24 10.73 -10.67
C GLY A 46 1.83 12.12 -10.58
N LYS A 47 0.96 13.12 -10.62
CA LYS A 47 1.40 14.50 -10.51
C LYS A 47 0.38 15.27 -9.69
N LEU A 48 0.80 16.42 -9.17
CA LEU A 48 -0.08 17.30 -8.40
C LEU A 48 -0.69 18.31 -9.35
N GLU A 49 -2.01 18.45 -9.34
CA GLU A 49 -2.65 19.42 -10.22
C GLU A 49 -2.19 20.84 -9.91
N SER A 50 -1.97 21.15 -8.63
CA SER A 50 -1.55 22.48 -8.24
C SER A 50 -0.25 22.94 -8.92
N THR A 51 0.76 22.08 -8.96
CA THR A 51 2.03 22.46 -9.57
C THR A 51 2.20 21.84 -10.96
N GLY A 52 1.39 20.84 -11.26
CA GLY A 52 1.48 20.15 -12.54
C GLY A 52 2.70 19.26 -12.65
N LYS A 53 3.50 19.20 -11.58
CA LYS A 53 4.72 18.39 -11.59
C LYS A 53 4.53 16.95 -11.13
N VAL A 54 5.16 16.02 -11.85
CA VAL A 54 5.08 14.59 -11.55
C VAL A 54 5.86 14.29 -10.27
N PHE A 55 5.23 13.63 -9.30
CA PHE A 55 5.90 13.30 -8.05
C PHE A 55 6.30 11.83 -7.91
N ASP A 56 5.77 10.97 -8.77
CA ASP A 56 6.08 9.55 -8.69
C ASP A 56 5.56 8.79 -9.89
N SER A 57 6.15 7.62 -10.15
CA SER A 57 5.75 6.79 -11.27
C SER A 57 6.37 5.40 -11.16
N SER A 58 5.61 4.39 -11.56
CA SER A 58 6.11 3.01 -11.53
C SER A 58 7.26 2.88 -12.53
N PHE A 59 7.33 3.83 -13.46
CA PHE A 59 8.39 3.82 -14.46
C PHE A 59 9.75 4.28 -13.92
N ASP A 60 9.79 4.85 -12.72
CA ASP A 60 11.08 5.30 -12.15
C ASP A 60 11.87 4.05 -11.78
N ARG A 61 11.14 3.02 -11.37
CA ARG A 61 11.71 1.75 -10.95
C ARG A 61 11.52 0.68 -12.01
N ASN A 62 10.61 0.95 -12.94
CA ASN A 62 10.28 0.01 -14.00
C ASN A 62 9.76 -1.28 -13.37
N VAL A 63 8.86 -1.11 -12.41
CA VAL A 63 8.26 -2.24 -11.71
C VAL A 63 6.77 -1.97 -11.70
N PRO A 64 6.00 -2.75 -12.46
CA PRO A 64 4.55 -2.51 -12.44
C PRO A 64 3.99 -2.59 -11.01
N PHE A 65 2.99 -1.77 -10.73
CA PHE A 65 2.38 -1.72 -9.41
C PHE A 65 1.20 -2.69 -9.30
N LYS A 66 1.21 -3.51 -8.26
CA LYS A 66 0.13 -4.48 -8.05
C LYS A 66 -0.63 -4.23 -6.75
N PHE A 67 -1.95 -4.34 -6.81
CA PHE A 67 -2.78 -4.15 -5.63
C PHE A 67 -4.08 -4.92 -5.80
N HIS A 68 -4.84 -5.04 -4.71
CA HIS A 68 -6.10 -5.76 -4.78
C HIS A 68 -7.22 -4.73 -4.84
N LEU A 69 -8.07 -4.88 -5.85
CA LEU A 69 -9.18 -3.96 -6.09
C LEU A 69 -10.22 -3.90 -5.00
N GLU A 70 -10.54 -2.67 -4.61
CA GLU A 70 -11.55 -2.36 -3.60
C GLU A 70 -11.41 -3.11 -2.29
N GLN A 71 -10.23 -2.98 -1.68
CA GLN A 71 -9.93 -3.61 -0.40
C GLN A 71 -9.39 -2.56 0.55
N GLY A 72 -9.46 -1.29 0.14
CA GLY A 72 -8.96 -0.20 0.96
C GLY A 72 -7.45 -0.11 0.93
N GLU A 73 -6.84 -0.73 -0.07
CA GLU A 73 -5.39 -0.75 -0.22
C GLU A 73 -4.89 0.54 -0.88
N VAL A 74 -5.75 1.19 -1.64
CA VAL A 74 -5.38 2.41 -2.35
C VAL A 74 -6.39 3.52 -2.10
N ILE A 75 -5.99 4.76 -2.38
CA ILE A 75 -6.90 5.89 -2.18
C ILE A 75 -8.19 5.57 -2.94
N LYS A 76 -9.32 5.98 -2.37
CA LYS A 76 -10.61 5.70 -2.96
C LYS A 76 -10.70 6.01 -4.46
N GLY A 77 -10.18 7.17 -4.87
CA GLY A 77 -10.22 7.53 -6.28
C GLY A 77 -9.65 6.45 -7.20
N TRP A 78 -8.62 5.75 -6.75
CA TRP A 78 -8.01 4.69 -7.56
C TRP A 78 -8.91 3.46 -7.71
N ASP A 79 -9.51 3.03 -6.60
CA ASP A 79 -10.40 1.87 -6.64
C ASP A 79 -11.55 2.16 -7.59
N ILE A 80 -12.08 3.37 -7.52
CA ILE A 80 -13.17 3.79 -8.37
C ILE A 80 -12.76 3.80 -9.84
N CYS A 81 -11.63 4.41 -10.14
CA CYS A 81 -11.14 4.48 -11.51
C CYS A 81 -10.75 3.15 -12.14
N VAL A 82 -9.98 2.35 -11.42
CA VAL A 82 -9.53 1.07 -11.95
C VAL A 82 -10.69 0.08 -12.13
N SER A 83 -11.65 0.10 -11.22
CA SER A 83 -12.79 -0.80 -11.33
C SER A 83 -13.61 -0.52 -12.59
N SER A 84 -13.40 0.64 -13.21
CA SER A 84 -14.13 1.02 -14.43
C SER A 84 -13.28 0.84 -15.69
N MET A 85 -12.07 0.34 -15.55
CA MET A 85 -11.18 0.16 -16.70
C MET A 85 -11.22 -1.24 -17.30
N ARG A 86 -10.81 -1.33 -18.56
CA ARG A 86 -10.74 -2.60 -19.26
C ARG A 86 -9.26 -2.92 -19.47
N LYS A 87 -8.91 -4.20 -19.58
CA LYS A 87 -7.52 -4.57 -19.78
C LYS A 87 -6.92 -3.78 -20.93
N ASN A 88 -5.70 -3.30 -20.74
CA ASN A 88 -4.95 -2.53 -21.73
C ASN A 88 -5.44 -1.10 -21.94
N GLU A 89 -6.38 -0.66 -21.12
CA GLU A 89 -6.87 0.69 -21.23
C GLU A 89 -5.84 1.66 -20.63
N LYS A 90 -5.73 2.84 -21.22
CA LYS A 90 -4.83 3.87 -20.70
C LYS A 90 -5.75 5.03 -20.39
N CYS A 91 -5.63 5.62 -19.21
CA CYS A 91 -6.50 6.74 -18.86
C CYS A 91 -5.79 7.76 -18.01
N LEU A 92 -6.44 8.91 -17.89
CA LEU A 92 -5.97 10.02 -17.08
C LEU A 92 -7.10 10.21 -16.09
N VAL A 93 -6.79 10.21 -14.80
CA VAL A 93 -7.84 10.39 -13.82
C VAL A 93 -7.55 11.57 -12.89
N ARG A 94 -8.54 12.43 -12.71
CA ARG A 94 -8.41 13.58 -11.82
C ARG A 94 -9.12 13.20 -10.52
N ILE A 95 -8.37 13.23 -9.43
CA ILE A 95 -8.86 12.85 -8.12
C ILE A 95 -8.77 13.97 -7.10
N GLU A 96 -9.93 14.45 -6.64
CA GLU A 96 -9.96 15.53 -5.64
C GLU A 96 -9.63 14.98 -4.26
N SER A 97 -9.10 15.84 -3.40
CA SER A 97 -8.70 15.44 -2.04
C SER A 97 -9.62 14.45 -1.34
N MET A 98 -10.93 14.69 -1.41
CA MET A 98 -11.90 13.83 -0.77
C MET A 98 -11.71 12.36 -1.13
N TYR A 99 -11.31 12.08 -2.37
CA TYR A 99 -11.09 10.71 -2.80
C TYR A 99 -9.60 10.41 -2.87
N GLY A 100 -8.81 11.33 -2.34
CA GLY A 100 -7.37 11.16 -2.34
C GLY A 100 -6.88 11.04 -0.90
N TYR A 101 -5.98 11.93 -0.51
CA TYR A 101 -5.42 11.92 0.84
C TYR A 101 -6.04 12.97 1.76
N GLY A 102 -7.23 13.46 1.39
CA GLY A 102 -7.94 14.44 2.19
C GLY A 102 -7.13 15.59 2.76
N ASP A 103 -7.47 15.98 3.99
CA ASP A 103 -6.78 17.06 4.68
C ASP A 103 -5.45 16.61 5.27
N GLU A 104 -5.33 15.30 5.48
CA GLU A 104 -4.12 14.73 6.05
C GLU A 104 -2.92 14.82 5.13
N GLY A 105 -3.13 14.52 3.85
CA GLY A 105 -2.04 14.54 2.89
C GLY A 105 -1.31 13.20 2.98
N CYS A 106 -0.15 13.09 2.34
CA CYS A 106 0.62 11.86 2.37
C CYS A 106 2.10 12.21 2.41
N GLY A 107 2.80 11.75 3.45
CA GLY A 107 4.22 12.05 3.58
C GLY A 107 4.39 13.55 3.41
N GLU A 108 5.51 13.95 2.80
CA GLU A 108 5.77 15.37 2.57
C GLU A 108 5.70 15.65 1.08
N SER A 109 5.28 14.64 0.33
CA SER A 109 5.16 14.71 -1.11
C SER A 109 3.78 15.24 -1.52
N ILE A 110 2.75 14.87 -0.77
CA ILE A 110 1.39 15.29 -1.08
C ILE A 110 0.73 16.08 0.05
N PRO A 111 0.59 17.39 -0.12
CA PRO A 111 -0.02 18.28 0.88
C PRO A 111 -1.50 17.95 1.09
N GLY A 112 -2.06 18.44 2.18
CA GLY A 112 -3.47 18.22 2.43
C GLY A 112 -4.25 19.02 1.40
N ASN A 113 -5.49 18.62 1.14
CA ASN A 113 -6.36 19.29 0.18
C ASN A 113 -5.75 19.40 -1.21
N SER A 114 -5.07 18.34 -1.64
CA SER A 114 -4.43 18.32 -2.95
C SER A 114 -5.27 17.56 -3.97
N VAL A 115 -5.34 18.10 -5.18
CA VAL A 115 -6.05 17.40 -6.25
C VAL A 115 -4.95 16.60 -6.93
N LEU A 116 -5.22 15.33 -7.21
CA LEU A 116 -4.23 14.47 -7.84
C LEU A 116 -4.58 14.08 -9.26
N LEU A 117 -3.55 13.97 -10.10
CA LEU A 117 -3.70 13.57 -11.49
C LEU A 117 -2.85 12.33 -11.74
N PHE A 118 -3.50 11.27 -12.19
CA PHE A 118 -2.80 10.01 -12.46
C PHE A 118 -3.09 9.48 -13.86
N GLU A 119 -2.05 8.95 -14.50
CA GLU A 119 -2.20 8.33 -15.80
C GLU A 119 -2.02 6.85 -15.44
N ILE A 120 -3.03 6.05 -15.75
CA ILE A 120 -2.98 4.64 -15.41
C ILE A 120 -3.15 3.73 -16.62
N GLU A 121 -2.34 2.68 -16.66
CA GLU A 121 -2.41 1.70 -17.74
C GLU A 121 -2.68 0.34 -17.08
N LEU A 122 -3.82 -0.25 -17.39
CA LEU A 122 -4.18 -1.55 -16.83
C LEU A 122 -3.54 -2.68 -17.66
N LEU A 123 -2.46 -3.25 -17.13
CA LEU A 123 -1.73 -4.30 -17.83
C LEU A 123 -2.43 -5.66 -17.74
N SER A 124 -2.95 -5.98 -16.56
CA SER A 124 -3.64 -7.25 -16.35
C SER A 124 -4.20 -7.35 -14.93
N PHE A 125 -4.86 -8.46 -14.67
CA PHE A 125 -5.42 -8.73 -13.36
C PHE A 125 -5.78 -10.20 -13.31
N ARG A 126 -5.93 -10.74 -12.10
CA ARG A 126 -6.28 -12.14 -11.95
C ARG A 126 -7.13 -12.35 -10.70
N GLU A 127 -8.05 -13.31 -10.78
CA GLU A 127 -8.92 -13.62 -9.65
C GLU A 127 -8.18 -14.58 -8.74
N LEU A 128 -8.38 -14.44 -7.43
CA LEU A 128 -7.70 -15.30 -6.47
C LEU A 128 -8.54 -16.51 -6.04
N GLU A 129 -8.04 -17.24 -5.06
CA GLU A 129 -8.69 -18.44 -4.50
C GLU A 129 -9.37 -19.33 -5.52
N GLU B 6 10.55 -6.20 -5.19
CA GLU B 6 9.23 -6.83 -4.91
C GLU B 6 9.32 -8.33 -5.18
N PHE B 7 10.45 -8.94 -4.83
CA PHE B 7 10.63 -10.37 -5.07
C PHE B 7 11.34 -11.17 -3.97
N GLU B 8 12.37 -10.61 -3.34
CA GLU B 8 13.10 -11.34 -2.30
C GLU B 8 12.17 -11.71 -1.13
N LYS B 9 12.01 -13.02 -0.91
CA LYS B 9 11.14 -13.54 0.13
C LYS B 9 11.97 -14.16 1.26
N VAL B 10 11.74 -13.73 2.49
CA VAL B 10 12.51 -14.22 3.62
C VAL B 10 11.66 -14.81 4.75
N GLU B 11 12.00 -16.02 5.16
CA GLU B 11 11.31 -16.68 6.26
C GLU B 11 12.11 -16.30 7.50
N LEU B 12 11.50 -15.50 8.38
CA LEU B 12 12.16 -15.02 9.59
C LEU B 12 12.08 -15.93 10.82
N THR B 13 11.22 -16.95 10.77
CA THR B 13 11.10 -17.89 11.87
C THR B 13 11.06 -19.29 11.26
N ALA B 14 11.71 -20.25 11.91
CA ALA B 14 11.77 -21.62 11.43
C ALA B 14 10.41 -22.24 11.12
N ASP B 15 9.40 -21.86 11.90
CA ASP B 15 8.05 -22.42 11.71
C ASP B 15 7.25 -21.68 10.64
N GLY B 16 7.83 -20.64 10.07
CA GLY B 16 7.14 -19.88 9.04
C GLY B 16 6.05 -18.95 9.56
N GLY B 17 6.07 -18.69 10.87
CA GLY B 17 5.08 -17.81 11.46
C GLY B 17 5.24 -16.37 10.97
N VAL B 18 6.44 -16.03 10.54
CA VAL B 18 6.75 -14.70 10.03
C VAL B 18 7.52 -14.77 8.72
N ILE B 19 6.89 -14.32 7.64
CA ILE B 19 7.51 -14.33 6.32
C ILE B 19 7.52 -12.92 5.74
N LYS B 20 8.69 -12.47 5.31
CA LYS B 20 8.83 -11.14 4.75
C LYS B 20 9.17 -11.15 3.25
N THR B 21 8.56 -10.23 2.51
CA THR B 21 8.83 -10.12 1.08
C THR B 21 9.27 -8.68 0.87
N ILE B 22 10.52 -8.49 0.48
CA ILE B 22 11.07 -7.16 0.25
C ILE B 22 10.53 -6.57 -1.04
N LEU B 23 9.79 -5.48 -0.92
CA LEU B 23 9.21 -4.81 -2.07
C LEU B 23 10.19 -3.78 -2.63
N LYS B 24 11.06 -3.27 -1.77
CA LYS B 24 12.07 -2.30 -2.15
C LYS B 24 13.24 -2.44 -1.19
N LYS B 25 14.44 -2.67 -1.73
CA LYS B 25 15.62 -2.82 -0.89
C LYS B 25 16.02 -1.52 -0.20
N GLY B 26 16.35 -1.62 1.08
CA GLY B 26 16.74 -0.45 1.85
C GLY B 26 18.19 -0.11 1.62
N ASP B 27 18.67 0.93 2.28
CA ASP B 27 20.05 1.38 2.13
C ASP B 27 21.05 0.44 2.77
N GLU B 28 22.12 0.15 2.05
CA GLU B 28 23.18 -0.71 2.57
C GLU B 28 23.95 0.02 3.67
N GLY B 29 24.74 -0.73 4.43
CA GLY B 29 25.50 -0.13 5.50
C GLY B 29 24.99 -0.58 6.87
N GLU B 30 25.90 -0.72 7.82
CA GLU B 30 25.52 -1.15 9.17
C GLU B 30 24.82 -0.04 9.95
N GLU B 31 25.13 1.21 9.63
CA GLU B 31 24.48 2.31 10.32
C GLU B 31 23.03 2.45 9.88
N ASN B 32 22.62 1.63 8.93
CA ASN B 32 21.25 1.66 8.42
C ASN B 32 20.36 0.52 8.93
N ILE B 33 20.87 -0.23 9.90
CA ILE B 33 20.10 -1.33 10.51
C ILE B 33 19.73 -0.91 11.93
N PRO B 34 18.44 -0.97 12.28
CA PRO B 34 18.00 -0.59 13.62
C PRO B 34 18.46 -1.60 14.67
N LYS B 35 18.74 -1.12 15.88
CA LYS B 35 19.20 -1.99 16.96
C LYS B 35 18.20 -1.99 18.10
N LYS B 36 18.17 -3.07 18.87
CA LYS B 36 17.24 -3.19 20.00
C LYS B 36 17.23 -1.92 20.86
N GLY B 37 16.04 -1.52 21.31
CA GLY B 37 15.92 -0.33 22.14
C GLY B 37 15.80 0.96 21.34
N ASN B 38 16.20 0.92 20.07
CA ASN B 38 16.13 2.10 19.20
C ASN B 38 14.68 2.55 18.95
N GLU B 39 14.50 3.85 18.78
CA GLU B 39 13.17 4.37 18.45
C GLU B 39 13.11 4.26 16.93
N VAL B 40 12.11 3.55 16.43
CA VAL B 40 11.97 3.36 14.99
C VAL B 40 10.75 4.11 14.48
N THR B 41 10.86 4.65 13.28
CA THR B 41 9.76 5.38 12.66
C THR B 41 9.39 4.69 11.33
N VAL B 42 8.12 4.36 11.18
CA VAL B 42 7.68 3.69 9.96
C VAL B 42 6.31 4.15 9.51
N HIS B 43 5.92 3.68 8.34
CA HIS B 43 4.59 3.90 7.81
C HIS B 43 4.13 2.47 7.57
N TYR B 44 2.84 2.21 7.73
CA TYR B 44 2.36 0.85 7.54
C TYR B 44 0.92 0.80 7.09
N VAL B 45 0.55 -0.36 6.55
CA VAL B 45 -0.80 -0.64 6.11
C VAL B 45 -1.04 -2.07 6.58
N GLY B 46 -2.13 -2.27 7.31
CA GLY B 46 -2.43 -3.59 7.81
C GLY B 46 -3.75 -4.13 7.32
N LYS B 47 -3.76 -5.42 6.98
CA LYS B 47 -4.99 -6.05 6.51
C LYS B 47 -5.05 -7.49 7.01
N LEU B 48 -6.27 -8.02 7.11
CA LEU B 48 -6.49 -9.39 7.54
C LEU B 48 -6.38 -10.31 6.34
N GLU B 49 -5.56 -11.36 6.46
CA GLU B 49 -5.41 -12.31 5.36
C GLU B 49 -6.74 -12.99 5.04
N SER B 50 -7.54 -13.28 6.06
CA SER B 50 -8.81 -13.95 5.83
C SER B 50 -9.77 -13.20 4.91
N THR B 51 -9.90 -11.89 5.10
CA THR B 51 -10.80 -11.11 4.25
C THR B 51 -10.04 -10.33 3.17
N GLY B 52 -8.74 -10.14 3.39
CA GLY B 52 -7.94 -9.38 2.45
C GLY B 52 -8.20 -7.89 2.54
N LYS B 53 -9.02 -7.48 3.51
CA LYS B 53 -9.34 -6.07 3.67
C LYS B 53 -8.45 -5.32 4.65
N VAL B 54 -8.06 -4.11 4.26
CA VAL B 54 -7.23 -3.27 5.11
C VAL B 54 -8.02 -2.76 6.31
N PHE B 55 -7.48 -2.95 7.51
CA PHE B 55 -8.18 -2.50 8.71
C PHE B 55 -7.59 -1.23 9.33
N ASP B 56 -6.35 -0.89 8.97
CA ASP B 56 -5.71 0.30 9.52
C ASP B 56 -4.42 0.66 8.78
N SER B 57 -4.02 1.92 8.90
CA SER B 57 -2.82 2.39 8.26
C SER B 57 -2.38 3.73 8.83
N SER B 58 -1.08 3.95 8.92
CA SER B 58 -0.56 5.21 9.43
C SER B 58 -0.89 6.32 8.43
N PHE B 59 -1.27 5.93 7.22
CA PHE B 59 -1.62 6.90 6.18
C PHE B 59 -3.03 7.46 6.36
N ASP B 60 -3.84 6.86 7.23
CA ASP B 60 -5.20 7.36 7.45
C ASP B 60 -5.07 8.71 8.12
N ARG B 61 -4.09 8.81 8.99
CA ARG B 61 -3.85 10.03 9.75
C ARG B 61 -2.65 10.78 9.23
N ASN B 62 -1.86 10.12 8.39
CA ASN B 62 -0.63 10.66 7.82
C ASN B 62 0.30 11.06 8.95
N VAL B 63 0.47 10.13 9.88
CA VAL B 63 1.36 10.33 11.01
C VAL B 63 2.22 9.07 11.10
N PRO B 64 3.51 9.20 10.83
CA PRO B 64 4.35 7.99 10.91
C PRO B 64 4.29 7.38 12.32
N PHE B 65 4.35 6.06 12.37
CA PHE B 65 4.27 5.34 13.64
C PHE B 65 5.66 5.14 14.24
N LYS B 66 5.79 5.45 15.52
CA LYS B 66 7.06 5.32 16.23
C LYS B 66 6.94 4.29 17.36
N PHE B 67 7.98 3.49 17.54
CA PHE B 67 8.00 2.52 18.62
C PHE B 67 9.44 2.12 18.92
N HIS B 68 9.66 1.48 20.06
CA HIS B 68 10.99 1.06 20.44
C HIS B 68 11.14 -0.41 20.10
N LEU B 69 12.17 -0.73 19.33
CA LEU B 69 12.41 -2.07 18.87
C LEU B 69 12.76 -3.10 19.94
N GLU B 70 12.03 -4.22 19.90
CA GLU B 70 12.21 -5.34 20.82
C GLU B 70 12.11 -5.00 22.30
N GLN B 71 11.00 -4.37 22.67
CA GLN B 71 10.75 -3.97 24.04
C GLN B 71 9.37 -4.48 24.45
N GLY B 72 8.75 -5.26 23.56
CA GLY B 72 7.43 -5.80 23.83
C GLY B 72 6.33 -4.78 23.60
N GLU B 73 6.66 -3.72 22.88
CA GLU B 73 5.70 -2.65 22.56
C GLU B 73 4.78 -3.01 21.40
N VAL B 74 5.22 -3.93 20.56
CA VAL B 74 4.43 -4.35 19.41
C VAL B 74 4.34 -5.87 19.37
N ILE B 75 3.40 -6.37 18.57
CA ILE B 75 3.25 -7.80 18.43
C ILE B 75 4.60 -8.35 18.00
N LYS B 76 4.91 -9.56 18.46
CA LYS B 76 6.18 -10.21 18.19
C LYS B 76 6.59 -10.21 16.72
N GLY B 77 5.64 -10.48 15.84
CA GLY B 77 5.94 -10.50 14.41
C GLY B 77 6.55 -9.21 13.91
N TRP B 78 6.15 -8.07 14.48
CA TRP B 78 6.68 -6.77 14.06
C TRP B 78 8.12 -6.55 14.52
N ASP B 79 8.42 -6.89 15.77
CA ASP B 79 9.77 -6.73 16.27
C ASP B 79 10.72 -7.59 15.44
N ILE B 80 10.28 -8.81 15.10
CA ILE B 80 11.09 -9.70 14.30
C ILE B 80 11.31 -9.18 12.88
N CYS B 81 10.25 -8.66 12.26
CA CYS B 81 10.35 -8.14 10.91
C CYS B 81 11.19 -6.87 10.82
N VAL B 82 10.84 -5.88 11.64
CA VAL B 82 11.55 -4.60 11.62
C VAL B 82 13.03 -4.72 11.99
N SER B 83 13.37 -5.62 12.91
CA SER B 83 14.77 -5.78 13.27
C SER B 83 15.59 -6.33 12.10
N SER B 84 14.91 -6.84 11.07
CA SER B 84 15.60 -7.38 9.90
C SER B 84 15.56 -6.44 8.70
N MET B 85 15.02 -5.25 8.90
CA MET B 85 14.92 -4.26 7.81
C MET B 85 16.08 -3.28 7.79
N ARG B 86 16.26 -2.64 6.64
CA ARG B 86 17.30 -1.62 6.43
C ARG B 86 16.58 -0.30 6.19
N LYS B 87 17.18 0.81 6.58
CA LYS B 87 16.55 2.12 6.37
C LYS B 87 16.04 2.26 4.94
N ASN B 88 14.81 2.75 4.80
CA ASN B 88 14.15 2.96 3.51
C ASN B 88 13.69 1.69 2.81
N GLU B 89 13.71 0.57 3.52
CA GLU B 89 13.23 -0.68 2.96
C GLU B 89 11.70 -0.71 3.03
N LYS B 90 11.07 -1.29 2.02
CA LYS B 90 9.62 -1.44 1.99
C LYS B 90 9.44 -2.95 1.93
N CYS B 91 8.56 -3.47 2.78
CA CYS B 91 8.33 -4.91 2.77
C CYS B 91 6.88 -5.27 3.08
N LEU B 92 6.57 -6.53 2.80
CA LEU B 92 5.26 -7.09 3.06
C LEU B 92 5.55 -8.23 4.04
N VAL B 93 4.90 -8.23 5.18
CA VAL B 93 5.14 -9.32 6.11
C VAL B 93 3.87 -10.05 6.48
N ARG B 94 3.94 -11.39 6.46
CA ARG B 94 2.82 -12.23 6.80
C ARG B 94 3.07 -12.74 8.22
N ILE B 95 2.16 -12.41 9.12
CA ILE B 95 2.29 -12.78 10.53
C ILE B 95 1.14 -13.66 11.01
N GLU B 96 1.47 -14.89 11.40
CA GLU B 96 0.45 -15.82 11.89
C GLU B 96 0.08 -15.46 13.32
N SER B 97 -1.13 -15.82 13.73
CA SER B 97 -1.62 -15.50 15.08
C SER B 97 -0.62 -15.65 16.21
N MET B 98 0.14 -16.75 16.20
CA MET B 98 1.13 -16.97 17.25
C MET B 98 2.06 -15.78 17.46
N TYR B 99 2.43 -15.10 16.38
CA TYR B 99 3.30 -13.93 16.49
C TYR B 99 2.49 -12.64 16.36
N GLY B 100 1.17 -12.79 16.38
CA GLY B 100 0.28 -11.64 16.29
C GLY B 100 -0.49 -11.48 17.59
N TYR B 101 -1.81 -11.52 17.50
CA TYR B 101 -2.68 -11.37 18.67
C TYR B 101 -3.23 -12.69 19.20
N GLY B 102 -2.60 -13.79 18.81
CA GLY B 102 -3.00 -15.12 19.26
C GLY B 102 -4.49 -15.43 19.24
N ASP B 103 -4.95 -16.14 20.27
CA ASP B 103 -6.35 -16.52 20.40
C ASP B 103 -7.19 -15.37 20.93
N GLU B 104 -6.53 -14.44 21.61
CA GLU B 104 -7.23 -13.30 22.21
C GLU B 104 -7.76 -12.32 21.18
N GLY B 105 -6.96 -12.04 20.16
CA GLY B 105 -7.37 -11.08 19.16
C GLY B 105 -7.07 -9.69 19.70
N CYS B 106 -7.54 -8.66 18.99
CA CYS B 106 -7.32 -7.28 19.42
C CYS B 106 -8.57 -6.46 19.13
N GLY B 107 -9.14 -5.87 20.17
CA GLY B 107 -10.35 -5.07 20.01
C GLY B 107 -11.36 -5.91 19.26
N GLU B 108 -12.17 -5.27 18.43
CA GLU B 108 -13.16 -6.00 17.65
C GLU B 108 -12.78 -5.91 16.18
N SER B 109 -11.55 -5.44 15.93
CA SER B 109 -11.05 -5.31 14.57
C SER B 109 -10.25 -6.55 14.16
N ILE B 110 -9.60 -7.18 15.13
CA ILE B 110 -8.79 -8.37 14.85
C ILE B 110 -9.27 -9.58 15.65
N PRO B 111 -9.97 -10.52 14.99
CA PRO B 111 -10.44 -11.72 15.70
C PRO B 111 -9.31 -12.66 16.10
N GLY B 112 -9.58 -13.55 17.05
CA GLY B 112 -8.56 -14.49 17.49
C GLY B 112 -8.18 -15.39 16.34
N ASN B 113 -6.97 -15.95 16.40
CA ASN B 113 -6.48 -16.85 15.35
C ASN B 113 -6.45 -16.22 13.97
N SER B 114 -6.12 -14.93 13.91
CA SER B 114 -6.06 -14.20 12.64
C SER B 114 -4.65 -14.09 12.10
N VAL B 115 -4.50 -14.29 10.79
CA VAL B 115 -3.20 -14.14 10.16
C VAL B 115 -3.21 -12.68 9.71
N LEU B 116 -2.13 -11.97 9.98
CA LEU B 116 -2.05 -10.56 9.62
C LEU B 116 -1.09 -10.32 8.47
N LEU B 117 -1.40 -9.32 7.66
CA LEU B 117 -0.56 -8.91 6.54
C LEU B 117 -0.26 -7.42 6.70
N PHE B 118 1.02 -7.07 6.77
CA PHE B 118 1.44 -5.69 6.91
C PHE B 118 2.46 -5.30 5.86
N GLU B 119 2.36 -4.05 5.41
CA GLU B 119 3.31 -3.50 4.47
C GLU B 119 3.99 -2.44 5.34
N ILE B 120 5.30 -2.56 5.47
CA ILE B 120 6.03 -1.65 6.31
C ILE B 120 7.14 -0.94 5.56
N GLU B 121 7.27 0.35 5.84
CA GLU B 121 8.30 1.19 5.25
C GLU B 121 9.12 1.78 6.39
N LEU B 122 10.39 1.41 6.47
CA LEU B 122 11.26 1.92 7.52
C LEU B 122 11.81 3.28 7.11
N LEU B 123 11.28 4.35 7.71
CA LEU B 123 11.69 5.71 7.40
C LEU B 123 13.00 6.09 8.08
N SER B 124 13.14 5.71 9.35
CA SER B 124 14.35 6.02 10.09
C SER B 124 14.27 5.47 11.50
N PHE B 125 15.36 5.61 12.24
CA PHE B 125 15.46 5.17 13.61
C PHE B 125 16.54 5.99 14.32
N ARG B 126 16.65 5.84 15.63
CA ARG B 126 17.64 6.59 16.40
C ARG B 126 17.85 5.99 17.80
N GLU B 127 19.04 6.23 18.35
CA GLU B 127 19.39 5.77 19.68
C GLU B 127 18.70 6.74 20.66
N LEU B 128 18.21 6.23 21.78
CA LEU B 128 17.54 7.09 22.76
C LEU B 128 18.53 7.87 23.63
N GLU B 129 18.10 8.85 24.28
C1 FK5 C . -1.81 4.72 -3.21
C2 FK5 C . -1.73 5.63 -4.44
C3 FK5 C . -2.41 4.96 -5.63
C4 FK5 C . -1.63 3.71 -6.07
C5 FK5 C . -0.20 4.08 -6.45
C6 FK5 C . 0.52 4.77 -5.29
C8 FK5 C . 0.17 7.12 -4.72
C9 FK5 C . 1.63 7.42 -5.12
C10 FK5 C . 2.78 7.15 -4.15
C11 FK5 C . 2.37 7.50 -2.72
C12 FK5 C . 3.51 7.14 -1.76
C13 FK5 C . 3.88 5.67 -1.96
C14 FK5 C . 4.27 5.46 -3.41
C15 FK5 C . 4.71 4.05 -3.74
C16 FK5 C . 3.63 3.03 -3.38
C17 FK5 C . 3.99 1.66 -3.96
C18 FK5 C . 5.08 1.00 -3.11
C19 FK5 C . 4.47 0.51 -1.79
C20 FK5 C . 4.43 1.36 -0.70
C21 FK5 C . 3.80 0.89 0.61
C22 FK5 C . 2.42 1.54 0.73
C23 FK5 C . 1.18 0.73 0.34
C24 FK5 C . -0.02 1.63 0.02
C25 FK5 C . 0.21 2.49 -1.22
C26 FK5 C . -0.99 3.39 -1.51
C27 FK5 C . -1.45 4.05 -0.23
C28 FK5 C . -2.68 3.68 0.32
C29 FK5 C . -3.24 4.27 1.62
C30 FK5 C . -4.32 5.30 1.30
C31 FK5 C . -4.94 5.82 2.60
C32 FK5 C . -5.60 4.63 3.29
C33 FK5 C . -4.53 3.60 3.67
C34 FK5 C . -3.83 3.10 2.41
C35 FK5 C . 2.04 8.99 -2.60
C36 FK5 C . 4.43 1.76 -5.42
C37 FK5 C . 3.90 -0.91 -1.71
C38 FK5 C . 4.69 1.30 1.80
C39 FK5 C . 4.23 0.75 2.99
C40 FK5 C . 3.64 1.54 3.95
C41 FK5 C . 0.56 1.65 -2.44
C42 FK5 C . -0.58 5.10 0.48
C43 FK5 C . 4.53 5.35 0.26
C44 FK5 C . 6.99 4.53 -3.66
C45 FK5 C . -6.19 7.64 3.43
N7 FK5 C . -0.32 5.88 -4.81
O1 FK5 C . -0.68 4.32 -2.57
O2 FK5 C . -2.92 4.36 -2.80
O3 FK5 C . -0.56 8.03 -4.34
O4 FK5 C . 1.84 7.88 -6.24
O5 FK5 C . 3.13 5.76 -4.25
O6 FK5 C . 3.89 7.96 -4.53
O7 FK5 C . 4.98 5.36 -1.09
O8 FK5 C . 5.95 3.74 -3.08
O9 FK5 C . 2.32 2.71 1.08
O10 FK5 C . -1.17 0.80 -0.17
O11 FK5 C . -5.94 6.81 2.29
O12 FK5 C . -6.28 5.06 4.47
C1 FK5 D . 0.83 -3.18 17.41
C2 FK5 D . 0.54 -3.58 15.97
C3 FK5 D . 1.83 -3.47 15.16
C4 FK5 D . 2.31 -2.02 15.12
C5 FK5 D . 1.25 -1.12 14.49
C6 FK5 D . -0.07 -1.22 15.26
C8 FK5 D . -1.56 -3.12 14.84
C9 FK5 D . -2.58 -2.18 14.19
C10 FK5 D . -3.51 -1.32 15.04
C11 FK5 D . -3.92 -2.07 16.32
C12 FK5 D . -4.76 -1.16 17.22
C13 FK5 D . -3.98 0.13 17.49
C14 FK5 D . -3.65 0.78 16.15
C15 FK5 D . -2.92 2.11 16.29
C16 FK5 D . -1.62 1.96 17.09
C17 FK5 D . -0.82 3.26 17.01
C18 FK5 D . -1.40 4.31 17.95
C19 FK5 D . -1.11 3.92 19.41
C20 FK5 D . -2.07 3.23 20.15
C21 FK5 D . -1.75 2.84 21.60
C22 FK5 D . -1.31 1.37 21.62
C23 FK5 D . 0.18 1.06 21.79
C24 FK5 D . 0.55 -0.35 21.30
C25 FK5 D . 0.25 -0.55 19.81
C26 FK5 D . 0.60 -1.97 19.34
C27 FK5 D . 0.04 -3.01 20.32
C28 FK5 D . 0.93 -3.76 21.07
C29 FK5 D . 0.48 -4.81 22.10
C30 FK5 D . 0.70 -6.23 21.54
C31 FK5 D . 0.37 -7.27 22.61
C32 FK5 D . 1.28 -7.06 23.83
C33 FK5 D . 1.05 -5.67 24.40
C34 FK5 D . 1.34 -4.61 23.35
C35 FK5 D . -4.72 -3.31 15.95
C36 FK5 D . -0.77 3.78 15.58
C37 FK5 D . 0.22 4.29 20.05
C38 FK5 D . -2.99 3.04 22.48
C39 FK5 D . -2.70 2.79 23.82
C40 FK5 D . -3.43 1.85 24.53
C41 FK5 D . 0.99 0.48 18.95
C42 FK5 D . -1.47 -3.22 20.44
C43 FK5 D . -5.02 0.50 19.57
C44 FK5 D . -4.71 3.51 15.83
C45 FK5 D . -0.58 -9.05 21.42
N7 FK5 D . -0.42 -2.65 15.36
O1 FK5 D . 0.11 -2.19 18.01
O2 FK5 D . 1.73 -3.74 18.04
O3 FK5 D . -1.80 -4.32 14.87
O4 FK5 D . -2.63 -2.10 12.97
O5 FK5 D . -2.82 -0.11 15.40
O6 FK5 D . -4.67 -1.00 14.29
O7 FK5 D . -4.83 1.02 18.26
O8 FK5 D . -3.78 3.11 16.84
O9 FK5 D . -2.14 0.48 21.49
O10 FK5 D . 1.95 -0.55 21.52
O11 FK5 D . 0.58 -8.60 22.12
O12 FK5 D . 0.97 -8.05 24.82
#